data_6D9M
#
_entry.id   6D9M
#
_cell.length_a   70.677
_cell.length_b   111.645
_cell.length_c   55.336
_cell.angle_alpha   90.000
_cell.angle_beta   122.750
_cell.angle_gamma   90.000
#
_symmetry.space_group_name_H-M   'C 1 2 1'
#
loop_
_entity.id
_entity.type
_entity.pdbx_description
1 polymer 'Fusion protein of Endolysin,Response receiver sensor diguanylate cyclase, GAF domain-containing'
2 non-polymer "GUANOSINE-5'-TRIPHOSPHATE"
3 non-polymer GUANOSINE
4 non-polymer 'PYROPHOSPHATE 2-'
5 non-polymer 'MAGNESIUM ION'
6 non-polymer GLYCEROL
7 non-polymer 'ACETATE ION'
8 water water
#
_entity_poly.entity_id   1
_entity_poly.type   'polypeptide(L)'
_entity_poly.pdbx_seq_one_letter_code
;MNIFEMLRIDQGLRLKIYKDTEGYYTIGIGHLLTKSPSLNAAKSELDKAIGRNTNGVITKDEAEKLFNQDVDAAVRGILR
NAKLKPVYDSLDAVRRAALINMVFQMGETGVAGFTNSLRMLQQKRWDEAAVNLAKSRWYNQTPNRAKRVITTFRTGTWDA
YGSYIDELTGLFNYRYLDISLDREIKRADRFGSTVSMIFIDLDFFKGVNDTHGHLVGSQVLNEMGMLLKKSVREVDIVIR
YGGDEFTVMLVETGEKGAATVAERIRRSIEGHTFLAAEGFNIRLTASLGYACYPADTQSKLELLELADKAMYQGKEQGKN
CVFRATAIRLEHHHHHH
;
_entity_poly.pdbx_strand_id   A
#
# COMPACT_ATOMS: atom_id res chain seq x y z
N MET A 1 -2.47 10.88 -7.64
CA MET A 1 -1.13 10.55 -7.14
C MET A 1 -0.37 11.80 -6.63
N ASN A 2 0.40 11.63 -5.55
CA ASN A 2 1.18 12.72 -4.94
C ASN A 2 2.33 12.07 -4.17
N ILE A 3 3.18 12.87 -3.52
CA ILE A 3 4.39 12.33 -2.89
C ILE A 3 4.07 11.41 -1.71
N PHE A 4 3.00 11.70 -0.95
CA PHE A 4 2.58 10.79 0.09
C PHE A 4 2.19 9.45 -0.48
N GLU A 5 1.34 9.44 -1.53
CA GLU A 5 0.92 8.17 -2.09
C GLU A 5 2.08 7.46 -2.79
N MET A 6 3.02 8.21 -3.34
CA MET A 6 4.19 7.61 -3.98
C MET A 6 5.03 6.86 -2.94
N LEU A 7 5.31 7.53 -1.82
N LEU A 7 5.32 7.52 -1.81
CA LEU A 7 6.12 6.91 -0.77
CA LEU A 7 6.11 6.88 -0.78
C LEU A 7 5.35 5.85 0.01
C LEU A 7 5.34 5.83 -0.03
N ARG A 8 4.02 5.92 0.02
N ARG A 8 4.01 5.94 0.04
CA ARG A 8 3.23 4.83 0.59
CA ARG A 8 3.23 4.83 0.60
C ARG A 8 3.30 3.58 -0.28
C ARG A 8 3.31 3.59 -0.29
N ILE A 9 3.30 3.75 -1.61
CA ILE A 9 3.55 2.62 -2.50
C ILE A 9 4.92 2.04 -2.29
N ASP A 10 5.94 2.88 -2.12
CA ASP A 10 7.30 2.35 -2.04
C ASP A 10 7.70 1.84 -0.67
N GLN A 11 7.08 2.29 0.41
N GLN A 11 7.12 2.37 0.40
CA GLN A 11 7.48 1.86 1.73
CA GLN A 11 7.54 2.08 1.76
C GLN A 11 6.36 1.32 2.57
C GLN A 11 6.41 1.59 2.67
N GLY A 12 5.15 1.55 2.18
CA GLY A 12 4.01 1.15 2.99
C GLY A 12 3.66 2.14 4.06
N LEU A 13 2.50 1.98 4.67
CA LEU A 13 2.08 2.76 5.84
C LEU A 13 1.89 1.77 6.98
N ARG A 14 2.55 2.03 8.10
CA ARG A 14 2.37 1.21 9.30
CA ARG A 14 2.42 1.22 9.31
C ARG A 14 2.05 2.14 10.45
N LEU A 15 1.13 1.72 11.31
CA LEU A 15 0.73 2.51 12.45
C LEU A 15 1.22 1.95 13.74
N LYS A 16 1.92 0.85 13.72
CA LYS A 16 2.62 0.30 14.88
C LYS A 16 4.07 0.11 14.49
N ILE A 17 4.96 0.16 15.48
CA ILE A 17 6.38 0.00 15.20
C ILE A 17 6.64 -1.34 14.52
N TYR A 18 7.51 -1.32 13.52
CA TYR A 18 7.96 -2.53 12.85
C TYR A 18 9.49 -2.46 12.69
N LYS A 19 10.08 -3.51 12.17
CA LYS A 19 11.51 -3.53 11.87
C LYS A 19 11.76 -3.49 10.39
N ASP A 20 12.68 -2.61 9.96
CA ASP A 20 13.08 -2.49 8.56
C ASP A 20 14.08 -3.56 8.19
N THR A 21 14.66 -3.47 6.97
N THR A 21 14.68 -3.47 7.00
CA THR A 21 15.57 -4.51 6.49
CA THR A 21 15.53 -4.53 6.50
C THR A 21 16.66 -4.77 7.50
C THR A 21 16.77 -4.74 7.35
N GLU A 22 17.22 -3.71 8.08
CA GLU A 22 18.36 -3.85 8.97
C GLU A 22 17.96 -4.18 10.38
N GLY A 23 16.69 -4.30 10.66
CA GLY A 23 16.23 -4.58 11.99
C GLY A 23 15.90 -3.34 12.78
N TYR A 24 15.89 -2.15 12.14
CA TYR A 24 15.71 -0.90 12.90
C TYR A 24 14.25 -0.56 13.05
N TYR A 25 13.88 -0.11 14.24
CA TYR A 25 12.51 0.26 14.54
C TYR A 25 12.06 1.48 13.76
N THR A 26 10.91 1.30 13.09
CA THR A 26 10.40 2.22 12.09
C THR A 26 8.89 2.29 12.27
N ILE A 27 8.26 3.37 11.78
CA ILE A 27 6.80 3.48 11.83
C ILE A 27 6.37 4.42 10.70
N GLY A 28 5.06 4.47 10.47
CA GLY A 28 4.54 5.45 9.52
C GLY A 28 4.95 5.09 8.12
N ILE A 29 5.32 6.09 7.32
CA ILE A 29 5.83 5.90 5.95
C ILE A 29 7.35 5.91 6.06
N GLY A 30 7.91 4.78 6.45
CA GLY A 30 9.37 4.64 6.53
C GLY A 30 10.10 5.53 7.51
N HIS A 31 9.46 5.98 8.60
CA HIS A 31 10.12 6.89 9.54
C HIS A 31 10.98 6.06 10.49
N LEU A 32 12.30 6.16 10.34
CA LEU A 32 13.21 5.47 11.24
C LEU A 32 13.15 6.13 12.60
N LEU A 33 12.87 5.38 13.65
CA LEU A 33 12.85 5.94 15.00
C LEU A 33 14.23 5.93 15.60
N THR A 34 14.96 4.82 15.47
CA THR A 34 16.28 4.69 16.09
C THR A 34 16.92 3.46 15.50
N LYS A 35 18.24 3.42 15.51
CA LYS A 35 18.99 2.19 15.27
C LYS A 35 19.22 1.38 16.52
N SER A 36 18.78 1.89 17.68
CA SER A 36 19.01 1.19 18.93
C SER A 36 18.31 -0.18 18.91
N PRO A 37 18.91 -1.20 19.49
CA PRO A 37 18.19 -2.48 19.63
C PRO A 37 17.02 -2.40 20.63
N SER A 38 16.90 -1.32 21.41
CA SER A 38 15.89 -1.23 22.48
C SER A 38 14.55 -0.74 21.93
N LEU A 39 13.51 -1.61 21.99
CA LEU A 39 12.17 -1.17 21.67
C LEU A 39 11.69 -0.05 22.56
N ASN A 40 12.06 -0.08 23.82
CA ASN A 40 11.70 1.01 24.71
C ASN A 40 12.28 2.34 24.22
N ALA A 41 13.54 2.33 23.75
CA ALA A 41 14.09 3.59 23.22
C ALA A 41 13.37 4.05 21.99
N ALA A 42 12.93 3.13 21.15
CA ALA A 42 12.11 3.49 19.99
C ALA A 42 10.79 4.10 20.40
N LYS A 43 10.13 3.53 21.43
CA LYS A 43 8.86 4.08 21.89
C LYS A 43 9.05 5.43 22.51
N SER A 44 10.14 5.65 23.25
N SER A 44 10.13 5.64 23.28
CA SER A 44 10.35 6.98 23.83
CA SER A 44 10.39 6.96 23.84
C SER A 44 10.57 8.02 22.76
C SER A 44 10.51 7.99 22.73
N GLU A 45 11.27 7.64 21.69
CA GLU A 45 11.46 8.57 20.58
C GLU A 45 10.15 8.79 19.87
N LEU A 46 9.34 7.78 19.71
CA LEU A 46 8.04 7.96 19.04
C LEU A 46 7.16 8.95 19.81
N ASP A 47 7.14 8.82 21.14
CA ASP A 47 6.34 9.76 21.91
C ASP A 47 6.82 11.17 21.70
N LYS A 48 8.16 11.40 21.66
CA LYS A 48 8.63 12.76 21.41
C LYS A 48 8.24 13.23 20.02
N ALA A 49 8.33 12.37 19.03
CA ALA A 49 8.11 12.73 17.64
C ALA A 49 6.65 13.10 17.38
N ILE A 50 5.73 12.36 18.00
CA ILE A 50 4.30 12.60 17.85
C ILE A 50 3.82 13.64 18.84
N GLY A 51 4.44 13.74 20.04
CA GLY A 51 3.99 14.67 21.03
C GLY A 51 2.82 14.13 21.81
N ARG A 52 2.84 12.85 22.19
CA ARG A 52 1.74 12.11 22.81
C ARG A 52 2.33 10.84 23.45
N ASN A 53 1.69 10.27 24.47
CA ASN A 53 2.12 8.94 24.92
C ASN A 53 1.42 7.91 24.04
N THR A 54 2.17 7.33 23.07
CA THR A 54 1.58 6.49 22.03
C THR A 54 1.60 5.01 22.33
N ASN A 55 2.40 4.55 23.30
CA ASN A 55 2.78 3.14 23.45
C ASN A 55 3.04 2.41 22.13
N GLY A 56 3.69 3.08 21.18
CA GLY A 56 4.02 2.40 19.95
C GLY A 56 2.95 2.34 18.89
N VAL A 57 1.82 3.06 19.06
CA VAL A 57 0.72 3.05 18.09
C VAL A 57 0.29 4.47 17.76
N ILE A 58 0.17 4.81 16.48
CA ILE A 58 -0.17 6.15 16.01
C ILE A 58 -1.37 6.08 15.09
N THR A 59 -1.96 7.26 14.84
CA THR A 59 -3.07 7.34 13.89
C THR A 59 -2.54 7.69 12.51
N LYS A 60 -3.37 7.48 11.49
CA LYS A 60 -2.98 7.86 10.12
C LYS A 60 -2.68 9.36 10.03
N ASP A 61 -3.48 10.19 10.71
CA ASP A 61 -3.21 11.63 10.69
C ASP A 61 -1.83 11.94 11.25
N GLU A 62 -1.46 11.25 12.34
CA GLU A 62 -0.13 11.41 12.92
C GLU A 62 0.96 10.93 11.99
N ALA A 63 0.74 9.82 11.30
CA ALA A 63 1.75 9.32 10.38
C ALA A 63 1.93 10.27 9.22
N GLU A 64 0.84 10.92 8.78
CA GLU A 64 1.00 11.78 7.63
C GLU A 64 1.66 13.10 8.06
N LYS A 65 1.40 13.56 9.27
CA LYS A 65 2.13 14.73 9.75
C LYS A 65 3.62 14.41 9.88
N LEU A 66 3.97 13.23 10.44
CA LEU A 66 5.36 12.81 10.54
C LEU A 66 6.01 12.73 9.16
N PHE A 67 5.30 12.16 8.20
CA PHE A 67 5.78 12.13 6.82
C PHE A 67 6.06 13.53 6.28
N ASN A 68 5.15 14.47 6.48
CA ASN A 68 5.35 15.82 5.95
C ASN A 68 6.55 16.48 6.63
N GLN A 69 6.74 16.21 7.91
CA GLN A 69 7.95 16.69 8.59
C GLN A 69 9.20 16.09 7.99
N ASP A 70 9.15 14.81 7.64
CA ASP A 70 10.29 14.16 7.00
C ASP A 70 10.54 14.70 5.60
N VAL A 71 9.49 15.01 4.83
CA VAL A 71 9.69 15.64 3.52
C VAL A 71 10.34 17.00 3.70
N ASP A 72 9.83 17.80 4.65
CA ASP A 72 10.39 19.14 4.85
C ASP A 72 11.86 19.04 5.24
N ALA A 73 12.23 18.06 6.10
CA ALA A 73 13.63 17.94 6.48
C ALA A 73 14.47 17.48 5.30
N ALA A 74 13.95 16.58 4.45
CA ALA A 74 14.70 16.17 3.26
C ALA A 74 14.92 17.34 2.34
N VAL A 75 13.90 18.18 2.13
CA VAL A 75 14.06 19.34 1.25
C VAL A 75 15.05 20.33 1.84
N ARG A 76 14.97 20.62 3.15
CA ARG A 76 15.88 21.57 3.73
C ARG A 76 17.30 21.05 3.59
N GLY A 77 17.50 19.73 3.76
CA GLY A 77 18.86 19.21 3.60
C GLY A 77 19.35 19.27 2.17
N ILE A 78 18.47 18.93 1.20
CA ILE A 78 18.80 19.06 -0.23
C ILE A 78 19.27 20.48 -0.51
N LEU A 79 18.53 21.47 -0.02
CA LEU A 79 18.83 22.87 -0.30
C LEU A 79 20.13 23.33 0.35
N ARG A 80 20.59 22.66 1.39
CA ARG A 80 21.88 22.99 2.02
C ARG A 80 23.03 22.20 1.42
N ASN A 81 22.77 21.33 0.46
CA ASN A 81 23.79 20.45 -0.10
C ASN A 81 24.23 21.01 -1.43
N ALA A 82 25.50 21.39 -1.55
CA ALA A 82 25.92 22.09 -2.77
C ALA A 82 25.78 21.25 -4.03
N LYS A 83 25.76 19.93 -3.92
CA LYS A 83 25.62 19.10 -5.13
C LYS A 83 24.15 18.86 -5.49
N LEU A 84 23.26 18.88 -4.51
CA LEU A 84 21.88 18.60 -4.76
C LEU A 84 21.04 19.87 -5.01
N LYS A 85 21.33 20.99 -4.35
CA LYS A 85 20.50 22.20 -4.49
C LYS A 85 20.32 22.61 -5.93
N PRO A 86 21.36 22.76 -6.75
CA PRO A 86 21.10 23.28 -8.11
C PRO A 86 20.26 22.32 -8.94
N VAL A 87 20.40 21.02 -8.73
CA VAL A 87 19.56 20.06 -9.43
C VAL A 87 18.11 20.19 -8.97
N TYR A 88 17.87 20.16 -7.64
CA TYR A 88 16.51 20.31 -7.13
C TYR A 88 15.87 21.60 -7.60
N ASP A 89 16.61 22.71 -7.53
CA ASP A 89 16.02 23.99 -7.93
C ASP A 89 15.62 23.95 -9.40
N SER A 90 16.39 23.21 -10.22
CA SER A 90 16.09 23.14 -11.66
C SER A 90 14.91 22.23 -12.02
N LEU A 91 14.55 21.29 -11.16
CA LEU A 91 13.55 20.29 -11.50
C LEU A 91 12.14 20.80 -11.29
N ASP A 92 11.21 20.21 -12.02
CA ASP A 92 9.78 20.38 -11.78
C ASP A 92 9.33 19.58 -10.55
N ALA A 93 8.08 19.77 -10.13
CA ALA A 93 7.57 19.20 -8.88
C ALA A 93 7.60 17.66 -8.87
N VAL A 94 7.23 17.03 -9.97
CA VAL A 94 7.20 15.58 -9.99
C VAL A 94 8.61 15.03 -9.87
N ARG A 95 9.55 15.57 -10.64
CA ARG A 95 10.91 15.09 -10.55
C ARG A 95 11.54 15.44 -9.21
N ARG A 96 11.14 16.55 -8.56
CA ARG A 96 11.59 16.80 -7.20
C ARG A 96 11.10 15.70 -6.26
N ALA A 97 9.89 15.20 -6.48
CA ALA A 97 9.40 14.10 -5.64
C ALA A 97 10.25 12.88 -5.82
N ALA A 98 10.68 12.60 -7.03
CA ALA A 98 11.58 11.45 -7.25
C ALA A 98 12.90 11.62 -6.51
N LEU A 99 13.47 12.82 -6.51
CA LEU A 99 14.70 13.08 -5.76
C LEU A 99 14.48 12.91 -4.26
N ILE A 100 13.36 13.42 -3.74
CA ILE A 100 13.04 13.26 -2.32
C ILE A 100 12.88 11.79 -1.99
N ASN A 101 12.25 11.05 -2.89
CA ASN A 101 12.07 9.61 -2.71
C ASN A 101 13.42 8.95 -2.50
N MET A 102 14.39 9.26 -3.37
CA MET A 102 15.74 8.70 -3.18
C MET A 102 16.31 9.10 -1.83
N VAL A 103 16.12 10.34 -1.39
CA VAL A 103 16.66 10.72 -0.08
C VAL A 103 16.01 9.92 1.05
N PHE A 104 14.69 9.67 0.97
CA PHE A 104 14.01 8.82 1.96
C PHE A 104 14.64 7.44 2.01
N GLN A 105 14.95 6.88 0.84
CA GLN A 105 15.45 5.50 0.81
C GLN A 105 16.87 5.42 1.31
N MET A 106 17.77 6.28 0.82
CA MET A 106 19.20 6.06 1.01
C MET A 106 19.90 7.18 1.72
N GLY A 107 19.25 8.29 2.02
CA GLY A 107 19.88 9.41 2.70
C GLY A 107 20.53 10.37 1.73
N GLU A 108 20.71 11.60 2.20
CA GLU A 108 21.18 12.67 1.35
C GLU A 108 22.58 12.40 0.76
N THR A 109 23.51 11.91 1.60
N THR A 109 23.51 11.91 1.59
CA THR A 109 24.87 11.66 1.14
CA THR A 109 24.87 11.71 1.09
C THR A 109 24.89 10.65 0.02
C THR A 109 24.91 10.65 0.01
N GLY A 110 24.07 9.61 0.15
CA GLY A 110 23.98 8.60 -0.91
C GLY A 110 23.49 9.19 -2.21
N VAL A 111 22.47 10.06 -2.15
CA VAL A 111 21.95 10.62 -3.40
C VAL A 111 22.99 11.54 -4.03
N ALA A 112 23.68 12.31 -3.20
CA ALA A 112 24.69 13.22 -3.72
C ALA A 112 25.80 12.47 -4.43
N GLY A 113 25.98 11.17 -4.19
CA GLY A 113 27.03 10.46 -4.90
C GLY A 113 26.68 10.05 -6.32
N PHE A 114 25.48 10.40 -6.81
CA PHE A 114 25.08 10.06 -8.17
C PHE A 114 25.55 11.16 -9.13
N THR A 115 26.86 11.31 -9.28
CA THR A 115 27.44 12.48 -9.93
C THR A 115 26.93 12.66 -11.34
N ASN A 116 27.02 11.60 -12.13
CA ASN A 116 26.67 11.75 -13.53
C ASN A 116 25.17 11.86 -13.71
N SER A 117 24.40 11.16 -12.89
CA SER A 117 22.94 11.25 -13.00
C SER A 117 22.48 12.66 -12.68
N LEU A 118 23.03 13.24 -11.61
CA LEU A 118 22.66 14.61 -11.23
C LEU A 118 23.02 15.59 -12.30
N ARG A 119 24.18 15.42 -12.93
N ARG A 119 24.21 15.45 -12.92
CA ARG A 119 24.54 16.32 -14.02
CA ARG A 119 24.55 16.30 -14.05
C ARG A 119 23.55 16.22 -15.18
C ARG A 119 23.48 16.24 -15.14
N MET A 120 23.11 15.03 -15.53
CA MET A 120 22.16 14.90 -16.63
C MET A 120 20.80 15.46 -16.24
N LEU A 121 20.38 15.26 -14.98
CA LEU A 121 19.10 15.84 -14.54
C LEU A 121 19.11 17.35 -14.62
N GLN A 122 20.20 17.98 -14.17
CA GLN A 122 20.25 19.42 -14.19
C GLN A 122 20.18 19.93 -15.62
N GLN A 123 20.68 19.17 -16.59
CA GLN A 123 20.67 19.53 -18.00
C GLN A 123 19.42 19.07 -18.74
N LYS A 124 18.46 18.46 -18.02
CA LYS A 124 17.19 17.99 -18.61
C LYS A 124 17.46 16.91 -19.65
N ARG A 125 18.55 16.16 -19.47
CA ARG A 125 18.91 15.06 -20.37
C ARG A 125 18.33 13.79 -19.75
N TRP A 126 17.03 13.62 -19.90
CA TRP A 126 16.28 12.69 -19.07
C TRP A 126 16.64 11.24 -19.38
N ASP A 127 16.78 10.89 -20.67
CA ASP A 127 17.08 9.51 -21.01
C ASP A 127 18.47 9.12 -20.54
N GLU A 128 19.43 10.04 -20.67
CA GLU A 128 20.78 9.77 -20.18
C GLU A 128 20.82 9.71 -18.67
N ALA A 129 20.06 10.56 -17.99
CA ALA A 129 19.97 10.44 -16.54
C ALA A 129 19.44 9.09 -16.14
N ALA A 130 18.42 8.57 -16.85
CA ALA A 130 17.85 7.28 -16.47
C ALA A 130 18.84 6.15 -16.67
N VAL A 131 19.66 6.22 -17.73
CA VAL A 131 20.68 5.20 -17.94
C VAL A 131 21.70 5.25 -16.81
N ASN A 132 22.11 6.46 -16.42
CA ASN A 132 23.11 6.57 -15.38
C ASN A 132 22.57 6.16 -14.01
N LEU A 133 21.30 6.42 -13.73
CA LEU A 133 20.77 6.12 -12.41
C LEU A 133 20.77 4.63 -12.14
N ALA A 134 20.62 3.83 -13.20
CA ALA A 134 20.57 2.38 -13.03
C ALA A 134 21.95 1.79 -12.80
N LYS A 135 23.05 2.53 -13.02
CA LYS A 135 24.40 2.01 -12.81
C LYS A 135 24.81 2.27 -11.36
N SER A 136 24.14 1.56 -10.46
CA SER A 136 24.32 1.89 -9.05
C SER A 136 24.00 0.64 -8.23
N ARG A 137 24.56 0.59 -7.04
CA ARG A 137 24.19 -0.46 -6.10
C ARG A 137 22.71 -0.36 -5.77
N TRP A 138 22.18 0.87 -5.68
CA TRP A 138 20.75 1.09 -5.42
C TRP A 138 19.86 0.32 -6.39
N TYR A 139 20.12 0.40 -7.68
CA TYR A 139 19.27 -0.27 -8.64
C TYR A 139 19.32 -1.76 -8.43
N ASN A 140 20.52 -2.29 -8.16
CA ASN A 140 20.64 -3.72 -7.98
C ASN A 140 19.96 -4.21 -6.71
N GLN A 141 19.99 -3.40 -5.65
CA GLN A 141 19.43 -3.81 -4.37
C GLN A 141 17.92 -3.81 -4.46
N THR A 142 17.37 -2.79 -5.06
CA THR A 142 15.90 -2.58 -5.10
C THR A 142 15.53 -2.18 -6.52
N PRO A 143 15.57 -3.12 -7.45
CA PRO A 143 15.35 -2.76 -8.86
C PRO A 143 13.93 -2.32 -9.17
N ASN A 144 12.95 -2.87 -8.47
CA ASN A 144 11.56 -2.50 -8.80
C ASN A 144 11.28 -1.07 -8.38
N ARG A 145 11.68 -0.72 -7.17
CA ARG A 145 11.52 0.68 -6.76
C ARG A 145 12.39 1.58 -7.61
N ALA A 146 13.63 1.19 -7.86
CA ALA A 146 14.48 2.10 -8.65
C ALA A 146 13.90 2.30 -10.03
N LYS A 147 13.35 1.26 -10.65
N LYS A 147 13.37 1.26 -10.66
CA LYS A 147 12.76 1.44 -11.96
CA LYS A 147 12.76 1.45 -11.97
C LYS A 147 11.60 2.43 -11.92
C LYS A 147 11.61 2.44 -11.90
N ARG A 148 10.78 2.37 -10.87
CA ARG A 148 9.70 3.35 -10.73
C ARG A 148 10.21 4.77 -10.57
N VAL A 149 11.19 4.96 -9.72
CA VAL A 149 11.75 6.29 -9.49
C VAL A 149 12.41 6.78 -10.77
N ILE A 150 13.18 5.92 -11.45
CA ILE A 150 13.83 6.28 -12.70
C ILE A 150 12.82 6.68 -13.75
N THR A 151 11.73 5.94 -13.91
CA THR A 151 10.70 6.31 -14.88
C THR A 151 10.11 7.66 -14.54
N THR A 152 9.96 7.98 -13.26
CA THR A 152 9.45 9.27 -12.86
C THR A 152 10.41 10.38 -13.25
N PHE A 153 11.73 10.19 -13.05
CA PHE A 153 12.69 11.17 -13.57
C PHE A 153 12.67 11.23 -15.09
N ARG A 154 12.52 10.10 -15.77
CA ARG A 154 12.60 10.13 -17.21
C ARG A 154 11.42 10.88 -17.79
N THR A 155 10.22 10.64 -17.25
CA THR A 155 9.00 11.14 -17.89
C THR A 155 8.47 12.40 -17.25
N GLY A 156 8.78 12.67 -15.99
CA GLY A 156 8.16 13.78 -15.28
C GLY A 156 6.69 13.59 -15.01
N THR A 157 6.19 12.35 -15.04
CA THR A 157 4.79 12.07 -14.80
C THR A 157 4.73 11.09 -13.63
N TRP A 158 3.51 10.87 -13.12
CA TRP A 158 3.27 9.92 -12.06
C TRP A 158 2.93 8.52 -12.58
N ASP A 159 3.10 8.26 -13.87
CA ASP A 159 2.54 7.07 -14.49
C ASP A 159 3.10 5.77 -13.89
N ALA A 160 4.33 5.72 -13.44
CA ALA A 160 4.84 4.49 -12.88
C ALA A 160 4.17 4.14 -11.56
N TYR A 161 3.61 5.11 -10.87
CA TYR A 161 2.87 4.88 -9.65
C TYR A 161 1.39 4.73 -9.92
N GLY A 162 0.85 5.52 -10.87
CA GLY A 162 -0.55 5.34 -11.29
C GLY A 162 -0.87 3.96 -11.85
N SER A 163 0.15 3.25 -12.33
N SER A 163 0.11 3.25 -12.33
N SER A 163 0.16 3.26 -12.33
CA SER A 163 0.04 1.89 -12.83
CA SER A 163 -0.20 1.94 -12.86
CA SER A 163 0.03 1.89 -12.81
C SER A 163 -0.47 0.92 -11.77
C SER A 163 -0.52 0.92 -11.78
C SER A 163 -0.64 1.00 -11.78
N TYR A 164 -0.45 1.31 -10.50
CA TYR A 164 -0.89 0.47 -9.39
C TYR A 164 -2.30 0.78 -8.92
N ILE A 165 -2.97 1.73 -9.55
CA ILE A 165 -4.28 2.20 -9.10
C ILE A 165 -5.34 1.72 -10.07
N ASP A 166 -6.42 1.13 -9.54
CA ASP A 166 -7.57 0.79 -10.36
C ASP A 166 -8.36 2.06 -10.67
N GLU A 167 -8.51 2.38 -11.96
CA GLU A 167 -9.16 3.62 -12.36
C GLU A 167 -10.61 3.68 -11.87
N LEU A 168 -11.34 2.57 -11.99
CA LEU A 168 -12.76 2.61 -11.67
C LEU A 168 -13.01 2.96 -10.21
N THR A 169 -12.31 2.29 -9.31
CA THR A 169 -12.62 2.36 -7.91
C THR A 169 -11.65 3.23 -7.12
N GLY A 170 -10.46 3.52 -7.68
CA GLY A 170 -9.43 4.17 -6.92
C GLY A 170 -8.71 3.27 -5.95
N LEU A 171 -9.09 2.01 -5.82
CA LEU A 171 -8.35 1.09 -4.99
C LEU A 171 -7.04 0.74 -5.69
N PHE A 172 -6.18 0.04 -4.98
CA PHE A 172 -5.04 -0.54 -5.66
C PHE A 172 -5.53 -1.64 -6.60
N ASN A 173 -4.74 -1.96 -7.60
CA ASN A 173 -5.05 -3.00 -8.58
C ASN A 173 -4.17 -4.22 -8.37
N TYR A 174 -4.33 -5.20 -9.29
CA TYR A 174 -3.64 -6.47 -9.13
C TYR A 174 -2.12 -6.31 -9.10
N ARG A 175 -1.58 -5.30 -9.79
CA ARG A 175 -0.12 -5.12 -9.78
C ARG A 175 0.39 -4.85 -8.41
N TYR A 176 -0.42 -4.24 -7.53
CA TYR A 176 0.05 -3.95 -6.20
C TYR A 176 0.07 -5.15 -5.29
N LEU A 177 -0.61 -6.23 -5.66
CA LEU A 177 -0.62 -7.38 -4.77
C LEU A 177 0.78 -7.91 -4.58
N ASP A 178 1.59 -8.02 -5.65
CA ASP A 178 2.95 -8.52 -5.51
C ASP A 178 3.74 -7.69 -4.54
N ILE A 179 3.71 -6.37 -4.70
CA ILE A 179 4.55 -5.49 -3.90
C ILE A 179 4.14 -5.58 -2.46
N SER A 180 2.85 -5.35 -2.21
CA SER A 180 2.34 -5.23 -0.86
C SER A 180 2.51 -6.51 -0.10
N LEU A 181 2.20 -7.65 -0.71
CA LEU A 181 2.32 -8.95 -0.10
C LEU A 181 3.78 -9.20 0.23
N ASP A 182 4.68 -9.05 -0.75
CA ASP A 182 6.10 -9.36 -0.48
C ASP A 182 6.59 -8.51 0.70
N ARG A 183 6.13 -7.26 0.77
N ARG A 183 6.24 -7.22 0.70
CA ARG A 183 6.68 -6.36 1.77
CA ARG A 183 6.63 -6.29 1.76
C ARG A 183 6.17 -6.71 3.14
C ARG A 183 6.18 -6.78 3.12
N GLU A 184 4.88 -6.97 3.28
CA GLU A 184 4.35 -7.22 4.61
C GLU A 184 4.69 -8.60 5.09
N ILE A 185 4.84 -9.59 4.19
CA ILE A 185 5.31 -10.90 4.62
C ILE A 185 6.74 -10.80 5.16
N LYS A 186 7.61 -10.05 4.46
CA LYS A 186 8.97 -9.93 4.96
C LYS A 186 8.97 -9.24 6.31
N ARG A 187 8.17 -8.19 6.47
CA ARG A 187 8.15 -7.50 7.75
C ARG A 187 7.63 -8.43 8.83
N ALA A 188 6.65 -9.27 8.51
CA ALA A 188 6.13 -10.22 9.48
C ALA A 188 7.17 -11.27 9.84
N ASP A 189 7.95 -11.71 8.84
CA ASP A 189 9.00 -12.72 9.10
C ASP A 189 10.02 -12.18 10.06
N ARG A 190 10.38 -10.89 9.94
CA ARG A 190 11.39 -10.28 10.84
C ARG A 190 10.84 -10.15 12.22
N PHE A 191 9.57 -9.85 12.35
CA PHE A 191 9.02 -9.33 13.59
C PHE A 191 8.23 -10.38 14.34
N GLY A 192 7.95 -11.52 13.71
CA GLY A 192 7.15 -12.54 14.35
C GLY A 192 5.69 -12.26 14.32
N SER A 193 5.21 -11.48 13.36
CA SER A 193 3.80 -11.10 13.35
C SER A 193 3.03 -11.88 12.29
N THR A 194 1.75 -11.55 12.16
CA THR A 194 0.83 -12.30 11.31
C THR A 194 0.34 -11.38 10.20
N VAL A 195 0.15 -11.94 9.00
CA VAL A 195 -0.48 -11.27 7.87
C VAL A 195 -1.64 -12.14 7.44
N SER A 196 -2.81 -11.55 7.20
CA SER A 196 -3.90 -12.38 6.72
C SER A 196 -4.41 -11.85 5.39
N MET A 197 -4.97 -12.76 4.60
N MET A 197 -4.88 -12.74 4.53
CA MET A 197 -5.45 -12.40 3.27
CA MET A 197 -5.47 -12.37 3.24
C MET A 197 -6.90 -12.84 3.17
C MET A 197 -6.91 -12.80 3.25
N ILE A 198 -7.76 -11.87 2.85
CA ILE A 198 -9.18 -12.13 2.66
C ILE A 198 -9.54 -11.93 1.21
N PHE A 199 -10.15 -12.93 0.58
CA PHE A 199 -10.67 -12.82 -0.79
C PHE A 199 -12.18 -12.63 -0.69
N ILE A 200 -12.68 -11.68 -1.45
CA ILE A 200 -14.11 -11.32 -1.44
C ILE A 200 -14.61 -11.35 -2.87
N ASP A 201 -15.69 -12.08 -3.13
CA ASP A 201 -16.31 -12.11 -4.47
C ASP A 201 -17.80 -11.87 -4.30
N LEU A 202 -18.30 -10.82 -4.93
CA LEU A 202 -19.72 -10.52 -4.79
C LEU A 202 -20.60 -11.64 -5.36
N ASP A 203 -21.67 -11.91 -4.65
CA ASP A 203 -22.59 -12.96 -5.10
C ASP A 203 -23.56 -12.43 -6.13
N PHE A 204 -23.67 -13.13 -7.26
CA PHE A 204 -24.67 -12.77 -8.27
C PHE A 204 -24.48 -11.36 -8.78
N PHE A 205 -23.24 -10.89 -8.90
CA PHE A 205 -23.04 -9.54 -9.40
C PHE A 205 -23.48 -9.38 -10.84
N LYS A 206 -23.44 -10.45 -11.64
CA LYS A 206 -23.97 -10.34 -13.02
C LYS A 206 -25.38 -9.86 -13.02
N GLY A 207 -26.16 -10.17 -11.97
CA GLY A 207 -27.54 -9.76 -11.93
C GLY A 207 -27.68 -8.25 -11.83
N VAL A 208 -26.70 -7.55 -11.27
CA VAL A 208 -26.75 -6.08 -11.25
C VAL A 208 -26.62 -5.55 -12.65
N ASN A 209 -25.63 -6.06 -13.40
CA ASN A 209 -25.50 -5.61 -14.80
C ASN A 209 -26.73 -5.94 -15.59
N ASP A 210 -27.33 -7.12 -15.37
CA ASP A 210 -28.51 -7.51 -16.15
C ASP A 210 -29.67 -6.58 -15.88
N THR A 211 -29.88 -6.21 -14.64
CA THR A 211 -31.08 -5.48 -14.26
C THR A 211 -30.92 -3.98 -14.49
N HIS A 212 -29.73 -3.44 -14.23
CA HIS A 212 -29.53 -2.00 -14.24
C HIS A 212 -28.53 -1.49 -15.25
N GLY A 213 -27.85 -2.36 -15.97
CA GLY A 213 -26.86 -1.93 -16.94
C GLY A 213 -25.49 -1.88 -16.35
N HIS A 214 -24.49 -2.03 -17.20
CA HIS A 214 -23.12 -2.12 -16.75
C HIS A 214 -22.62 -0.82 -16.12
N LEU A 215 -23.13 0.33 -16.55
N LEU A 215 -23.13 0.35 -16.53
CA LEU A 215 -22.66 1.56 -15.92
CA LEU A 215 -22.65 1.57 -15.87
C LEU A 215 -23.07 1.62 -14.45
C LEU A 215 -23.08 1.62 -14.42
N VAL A 216 -24.30 1.20 -14.14
CA VAL A 216 -24.71 1.06 -12.75
C VAL A 216 -23.88 0.00 -12.05
N GLY A 217 -23.63 -1.13 -12.69
CA GLY A 217 -22.78 -2.16 -12.06
C GLY A 217 -21.41 -1.62 -11.72
N SER A 218 -20.83 -0.79 -12.59
CA SER A 218 -19.51 -0.23 -12.30
C SER A 218 -19.57 0.72 -11.12
N GLN A 219 -20.65 1.46 -10.99
N GLN A 219 -20.64 1.49 -10.99
CA GLN A 219 -20.78 2.33 -9.83
CA GLN A 219 -20.77 2.34 -9.81
C GLN A 219 -21.02 1.55 -8.55
C GLN A 219 -20.98 1.53 -8.54
N VAL A 220 -21.67 0.39 -8.62
CA VAL A 220 -21.72 -0.51 -7.47
C VAL A 220 -20.34 -0.95 -7.07
N LEU A 221 -19.47 -1.28 -8.04
CA LEU A 221 -18.11 -1.69 -7.68
C LEU A 221 -17.35 -0.57 -7.05
N ASN A 222 -17.53 0.66 -7.55
CA ASN A 222 -16.91 1.81 -6.88
C ASN A 222 -17.42 1.95 -5.45
N GLU A 223 -18.72 1.84 -5.24
CA GLU A 223 -19.22 1.97 -3.87
C GLU A 223 -18.76 0.81 -3.00
N MET A 224 -18.61 -0.37 -3.57
CA MET A 224 -18.07 -1.49 -2.80
C MET A 224 -16.66 -1.18 -2.33
N GLY A 225 -15.84 -0.56 -3.18
CA GLY A 225 -14.52 -0.18 -2.72
C GLY A 225 -14.59 0.75 -1.55
N MET A 226 -15.51 1.74 -1.60
CA MET A 226 -15.67 2.65 -0.45
C MET A 226 -16.11 1.90 0.81
N LEU A 227 -17.06 0.97 0.66
N LEU A 227 -17.03 0.96 0.66
CA LEU A 227 -17.51 0.17 1.79
CA LEU A 227 -17.52 0.21 1.80
C LEU A 227 -16.37 -0.62 2.40
C LEU A 227 -16.42 -0.68 2.39
N LEU A 228 -15.57 -1.26 1.55
CA LEU A 228 -14.47 -2.08 2.05
C LEU A 228 -13.48 -1.21 2.82
N LYS A 229 -13.14 -0.05 2.28
CA LYS A 229 -12.19 0.82 3.00
C LYS A 229 -12.75 1.26 4.32
N LYS A 230 -14.08 1.52 4.39
CA LYS A 230 -14.70 1.89 5.66
C LYS A 230 -14.72 0.75 6.66
N SER A 231 -14.67 -0.47 6.19
CA SER A 231 -14.76 -1.65 7.03
C SER A 231 -13.41 -2.14 7.53
N VAL A 232 -12.30 -1.50 7.14
CA VAL A 232 -10.96 -1.97 7.53
C VAL A 232 -10.17 -0.77 8.06
N ARG A 233 -8.90 -0.99 8.42
CA ARG A 233 -8.09 0.13 8.93
C ARG A 233 -7.19 0.64 7.82
N GLU A 234 -6.54 1.80 8.11
CA GLU A 234 -5.75 2.45 7.07
C GLU A 234 -4.48 1.70 6.72
N VAL A 235 -4.02 0.77 7.58
CA VAL A 235 -2.85 -0.05 7.25
C VAL A 235 -3.24 -1.25 6.40
N ASP A 236 -4.54 -1.56 6.30
CA ASP A 236 -4.96 -2.73 5.52
C ASP A 236 -4.96 -2.36 4.05
N ILE A 237 -4.62 -3.29 3.19
CA ILE A 237 -4.47 -3.01 1.76
C ILE A 237 -5.65 -3.61 1.02
N VAL A 238 -6.41 -2.76 0.35
CA VAL A 238 -7.61 -3.20 -0.37
C VAL A 238 -7.33 -3.11 -1.87
N ILE A 239 -7.50 -4.23 -2.57
CA ILE A 239 -7.22 -4.32 -3.98
C ILE A 239 -8.48 -4.78 -4.71
N ARG A 240 -8.74 -4.23 -5.86
CA ARG A 240 -9.69 -4.82 -6.79
C ARG A 240 -8.94 -5.63 -7.84
N TYR A 241 -8.95 -6.94 -7.50
N TYR A 241 -9.58 -6.71 -8.34
CA TYR A 241 -8.14 -7.97 -8.14
CA TYR A 241 -9.05 -7.43 -9.51
C TYR A 241 -8.59 -8.17 -9.58
C TYR A 241 -9.94 -7.40 -10.74
N GLY A 242 -9.92 -8.15 -9.84
N GLY A 242 -9.97 -8.55 -11.42
N GLY A 242 -10.04 -8.29 -9.80
CA GLY A 242 -10.58 -8.24 -11.17
CA GLY A 242 -10.83 -8.85 -12.54
CA GLY A 242 -10.61 -8.20 -11.16
C GLY A 242 -12.11 -8.41 -11.14
C GLY A 242 -12.26 -8.93 -12.07
C GLY A 242 -12.13 -8.36 -11.13
N GLY A 243 -12.87 -7.78 -12.06
CA GLY A 243 -14.32 -7.73 -11.99
C GLY A 243 -14.86 -7.39 -10.61
N ASP A 244 -15.58 -8.34 -9.99
CA ASP A 244 -16.18 -8.13 -8.68
C ASP A 244 -15.40 -8.89 -7.61
N GLU A 245 -14.10 -9.08 -7.83
N GLU A 245 -14.11 -9.12 -7.85
CA GLU A 245 -13.21 -9.79 -6.91
CA GLU A 245 -13.23 -9.76 -6.90
C GLU A 245 -12.24 -8.82 -6.27
C GLU A 245 -12.37 -8.70 -6.24
N PHE A 246 -12.24 -8.82 -4.94
CA PHE A 246 -11.40 -7.92 -4.14
C PHE A 246 -10.55 -8.74 -3.19
N THR A 247 -9.39 -8.21 -2.79
CA THR A 247 -8.65 -8.76 -1.68
C THR A 247 -8.43 -7.69 -0.64
N VAL A 248 -8.39 -8.11 0.61
CA VAL A 248 -7.99 -7.27 1.73
C VAL A 248 -6.83 -7.98 2.42
N MET A 249 -5.72 -7.29 2.57
CA MET A 249 -4.59 -7.84 3.31
C MET A 249 -4.55 -7.14 4.64
N LEU A 250 -4.64 -7.90 5.71
CA LEU A 250 -4.66 -7.35 7.06
C LEU A 250 -3.26 -7.38 7.61
N VAL A 251 -2.90 -6.23 8.19
N VAL A 251 -2.76 -6.21 8.03
CA VAL A 251 -1.61 -5.95 8.75
CA VAL A 251 -1.53 -6.18 8.81
C VAL A 251 -1.85 -5.58 10.23
C VAL A 251 -1.82 -5.62 10.19
N GLU A 252 -0.91 -5.88 11.09
CA GLU A 252 -0.98 -5.39 12.45
C GLU A 252 -2.05 -6.02 13.30
N THR A 253 -2.52 -7.23 12.96
CA THR A 253 -3.44 -7.94 13.82
C THR A 253 -3.13 -9.42 13.67
N GLY A 254 -4.00 -10.27 14.20
CA GLY A 254 -3.75 -11.71 14.25
C GLY A 254 -4.92 -12.50 13.68
N GLU A 255 -5.00 -13.78 14.04
CA GLU A 255 -6.05 -14.65 13.52
C GLU A 255 -7.43 -14.21 14.01
N LYS A 256 -7.53 -13.81 15.29
CA LYS A 256 -8.83 -13.36 15.79
C LYS A 256 -9.29 -12.11 15.04
N GLY A 257 -8.34 -11.20 14.79
CA GLY A 257 -8.67 -10.01 14.05
C GLY A 257 -9.15 -10.31 12.65
N ALA A 258 -8.52 -11.29 11.99
CA ALA A 258 -8.96 -11.66 10.65
C ALA A 258 -10.41 -12.14 10.65
N ALA A 259 -10.76 -12.99 11.62
CA ALA A 259 -12.14 -13.46 11.66
C ALA A 259 -13.11 -12.31 11.90
N THR A 260 -12.75 -11.38 12.77
CA THR A 260 -13.60 -10.24 13.08
C THR A 260 -13.81 -9.37 11.87
N VAL A 261 -12.74 -9.09 11.14
CA VAL A 261 -12.83 -8.22 9.98
C VAL A 261 -13.60 -8.88 8.86
N ALA A 262 -13.36 -10.17 8.60
CA ALA A 262 -14.09 -10.82 7.52
C ALA A 262 -15.59 -10.84 7.84
N GLU A 263 -15.96 -11.11 9.08
CA GLU A 263 -17.37 -11.11 9.43
C GLU A 263 -17.96 -9.70 9.33
N ARG A 264 -17.21 -8.68 9.72
CA ARG A 264 -17.68 -7.31 9.59
C ARG A 264 -17.92 -6.96 8.13
N ILE A 265 -17.01 -7.35 7.23
CA ILE A 265 -17.21 -7.08 5.82
C ILE A 265 -18.45 -7.78 5.30
N ARG A 266 -18.59 -9.06 5.62
CA ARG A 266 -19.76 -9.79 5.11
C ARG A 266 -21.07 -9.15 5.57
N ARG A 267 -21.15 -8.84 6.86
CA ARG A 267 -22.35 -8.23 7.42
C ARG A 267 -22.59 -6.85 6.84
N SER A 268 -21.53 -6.07 6.61
N SER A 268 -21.52 -6.06 6.66
CA SER A 268 -21.71 -4.71 6.10
CA SER A 268 -21.68 -4.73 6.09
C SER A 268 -22.21 -4.73 4.66
C SER A 268 -22.29 -4.81 4.70
N ILE A 269 -21.72 -5.66 3.84
CA ILE A 269 -22.25 -5.79 2.48
C ILE A 269 -23.70 -6.22 2.53
N GLU A 270 -24.03 -7.22 3.32
CA GLU A 270 -25.40 -7.70 3.35
C GLU A 270 -26.36 -6.60 3.82
N GLY A 271 -25.92 -5.74 4.70
CA GLY A 271 -26.82 -4.73 5.23
C GLY A 271 -26.86 -3.44 4.43
N HIS A 272 -26.07 -3.30 3.37
CA HIS A 272 -25.92 -2.04 2.67
C HIS A 272 -26.89 -1.94 1.48
N THR A 273 -27.51 -0.77 1.31
N THR A 273 -27.52 -0.78 1.32
CA THR A 273 -28.26 -0.53 0.09
CA THR A 273 -28.28 -0.49 0.10
C THR A 273 -27.37 0.26 -0.84
C THR A 273 -27.37 0.27 -0.84
N PHE A 274 -27.05 -0.33 -1.98
CA PHE A 274 -26.13 0.31 -2.92
C PHE A 274 -26.87 1.33 -3.78
N LEU A 275 -26.16 2.43 -4.04
N LEU A 275 -26.19 2.44 -4.03
CA LEU A 275 -26.65 3.53 -4.84
CA LEU A 275 -26.70 3.55 -4.84
C LEU A 275 -27.96 4.08 -4.27
C LEU A 275 -27.94 4.17 -4.25
N ALA A 276 -28.04 4.14 -2.95
CA ALA A 276 -29.23 4.68 -2.29
C ALA A 276 -29.40 6.17 -2.53
N ALA A 277 -28.33 6.95 -2.56
CA ALA A 277 -28.51 8.40 -2.77
C ALA A 277 -28.99 8.70 -4.18
N GLU A 278 -28.78 7.80 -5.12
CA GLU A 278 -29.27 7.90 -6.48
C GLU A 278 -30.63 7.23 -6.67
N GLY A 279 -31.27 6.80 -5.57
CA GLY A 279 -32.62 6.27 -5.59
C GLY A 279 -32.75 4.80 -5.85
N PHE A 280 -31.63 4.07 -5.91
CA PHE A 280 -31.66 2.64 -6.14
C PHE A 280 -31.88 1.88 -4.85
N ASN A 281 -32.25 0.60 -5.00
CA ASN A 281 -32.46 -0.31 -3.87
C ASN A 281 -31.70 -1.60 -4.11
N ILE A 282 -30.42 -1.51 -4.41
CA ILE A 282 -29.64 -2.67 -4.83
C ILE A 282 -29.11 -3.36 -3.59
N ARG A 283 -29.36 -4.66 -3.48
CA ARG A 283 -28.90 -5.44 -2.34
C ARG A 283 -28.00 -6.55 -2.86
N LEU A 284 -26.91 -6.80 -2.16
CA LEU A 284 -25.96 -7.84 -2.52
C LEU A 284 -25.50 -8.55 -1.27
N THR A 285 -24.94 -9.75 -1.46
CA THR A 285 -24.09 -10.39 -0.45
C THR A 285 -22.76 -10.72 -1.11
N ALA A 286 -21.81 -11.19 -0.30
CA ALA A 286 -20.53 -11.65 -0.83
C ALA A 286 -20.13 -12.94 -0.15
N SER A 287 -19.29 -13.70 -0.84
CA SER A 287 -18.61 -14.84 -0.25
C SER A 287 -17.18 -14.44 0.04
N LEU A 288 -16.71 -14.81 1.22
CA LEU A 288 -15.39 -14.44 1.68
C LEU A 288 -14.62 -15.66 2.13
N GLY A 289 -13.33 -15.68 1.79
CA GLY A 289 -12.43 -16.72 2.30
C GLY A 289 -11.17 -16.05 2.82
N TYR A 290 -10.56 -16.64 3.84
CA TYR A 290 -9.34 -16.01 4.36
C TYR A 290 -8.39 -17.06 4.87
N ALA A 291 -7.14 -16.67 4.93
CA ALA A 291 -6.11 -17.54 5.50
C ALA A 291 -5.12 -16.63 6.20
N CYS A 292 -4.38 -17.19 7.15
CA CYS A 292 -3.47 -16.44 8.01
C CYS A 292 -2.06 -17.00 7.88
N TYR A 293 -1.09 -16.11 7.79
CA TYR A 293 0.32 -16.46 7.74
C TYR A 293 0.97 -15.97 9.03
N PRO A 294 1.81 -16.78 9.68
CA PRO A 294 2.26 -18.11 9.25
C PRO A 294 1.43 -19.23 9.81
N ALA A 295 0.28 -19.00 10.43
CA ALA A 295 -0.41 -20.12 11.07
C ALA A 295 -0.84 -21.17 10.07
N ASP A 296 -1.41 -20.76 8.94
CA ASP A 296 -2.01 -21.71 7.99
C ASP A 296 -1.03 -22.19 6.94
N THR A 297 0.04 -21.45 6.70
CA THR A 297 1.03 -21.78 5.69
C THR A 297 2.22 -20.87 5.91
N GLN A 298 3.39 -21.30 5.44
CA GLN A 298 4.59 -20.47 5.46
C GLN A 298 4.98 -20.08 4.07
N SER A 299 4.13 -20.31 3.09
CA SER A 299 4.35 -19.84 1.71
C SER A 299 3.37 -18.72 1.37
N LYS A 300 3.88 -17.58 0.89
CA LYS A 300 3.00 -16.49 0.46
C LYS A 300 2.08 -16.91 -0.66
N LEU A 301 2.60 -17.68 -1.61
CA LEU A 301 1.78 -18.10 -2.71
C LEU A 301 0.69 -19.02 -2.21
N GLU A 302 1.04 -19.92 -1.28
N GLU A 302 1.02 -19.91 -1.27
CA GLU A 302 0.01 -20.83 -0.74
CA GLU A 302 -0.01 -20.81 -0.78
C GLU A 302 -1.03 -20.05 0.06
C GLU A 302 -1.02 -20.08 0.09
N LEU A 303 -0.64 -18.97 0.72
CA LEU A 303 -1.58 -18.16 1.47
C LEU A 303 -2.67 -17.67 0.54
N LEU A 304 -2.28 -17.18 -0.64
CA LEU A 304 -3.28 -16.75 -1.63
C LEU A 304 -4.16 -17.90 -2.07
N GLU A 305 -3.55 -19.06 -2.36
CA GLU A 305 -4.31 -20.23 -2.79
C GLU A 305 -5.34 -20.62 -1.73
N LEU A 306 -4.95 -20.66 -0.47
CA LEU A 306 -5.85 -21.11 0.59
C LEU A 306 -6.99 -20.14 0.79
N ALA A 307 -6.73 -18.84 0.75
CA ALA A 307 -7.82 -17.89 0.91
C ALA A 307 -8.77 -17.96 -0.26
N ASP A 308 -8.26 -18.10 -1.47
CA ASP A 308 -9.16 -18.23 -2.63
C ASP A 308 -9.97 -19.53 -2.60
N LYS A 309 -9.36 -20.64 -2.22
CA LYS A 309 -10.11 -21.91 -2.10
C LYS A 309 -11.17 -21.82 -1.01
N ALA A 310 -10.89 -21.11 0.08
CA ALA A 310 -11.90 -20.94 1.13
C ALA A 310 -13.06 -20.11 0.64
N MET A 311 -12.78 -19.05 -0.14
N MET A 311 -12.79 -19.08 -0.16
CA MET A 311 -13.87 -18.27 -0.73
CA MET A 311 -13.86 -18.28 -0.73
C MET A 311 -14.73 -19.14 -1.62
C MET A 311 -14.73 -19.14 -1.63
N TYR A 312 -14.10 -19.94 -2.48
CA TYR A 312 -14.86 -20.79 -3.41
C TYR A 312 -15.68 -21.83 -2.67
N GLN A 313 -15.15 -22.35 -1.55
CA GLN A 313 -15.96 -23.23 -0.71
C GLN A 313 -17.23 -22.53 -0.25
N GLY A 314 -17.14 -21.28 0.19
CA GLY A 314 -18.36 -20.51 0.46
C GLY A 314 -19.29 -20.36 -0.72
N LYS A 315 -18.75 -20.11 -1.91
CA LYS A 315 -19.58 -20.01 -3.09
C LYS A 315 -20.38 -21.28 -3.33
N GLU A 316 -19.74 -22.44 -3.09
CA GLU A 316 -20.34 -23.74 -3.35
C GLU A 316 -21.29 -24.14 -2.26
N GLN A 317 -21.18 -23.55 -1.08
CA GLN A 317 -22.02 -23.88 0.07
C GLN A 317 -22.97 -22.74 0.47
N GLY A 318 -23.58 -22.10 -0.50
CA GLY A 318 -24.72 -21.23 -0.22
C GLY A 318 -24.46 -19.75 -0.30
N LYS A 319 -23.17 -19.32 -0.35
CA LYS A 319 -22.78 -17.92 -0.51
C LYS A 319 -23.12 -17.12 0.73
N ASN A 320 -22.91 -15.79 0.71
CA ASN A 320 -23.16 -14.95 1.88
C ASN A 320 -22.53 -15.55 3.16
N CYS A 321 -21.23 -15.82 3.12
CA CYS A 321 -20.60 -16.56 4.20
C CYS A 321 -19.11 -16.28 4.19
N VAL A 322 -18.45 -16.67 5.28
CA VAL A 322 -17.02 -16.52 5.48
C VAL A 322 -16.46 -17.90 5.84
N PHE A 323 -15.41 -18.30 5.15
CA PHE A 323 -14.66 -19.50 5.54
C PHE A 323 -13.20 -19.18 5.71
N ARG A 324 -12.59 -19.76 6.74
CA ARG A 324 -11.15 -19.73 6.86
C ARG A 324 -10.63 -21.02 6.27
N ALA A 325 -9.44 -20.95 5.68
CA ALA A 325 -8.81 -22.12 5.12
C ALA A 325 -8.73 -23.21 6.18
N THR A 326 -9.03 -24.44 5.78
CA THR A 326 -9.22 -25.56 6.73
C THR A 326 -7.97 -25.93 7.52
#